data_6H9N
#
_entry.id   6H9N
#
_cell.length_a   93.785
_cell.length_b   93.785
_cell.length_c   106.392
_cell.angle_alpha   90.00
_cell.angle_beta   90.00
_cell.angle_gamma   90.00
#
_symmetry.space_group_name_H-M   'P 41 21 2'
#
loop_
_entity.id
_entity.type
_entity.pdbx_description
1 polymer 'Cell division protein FtsQ'
2 polymer 'Cell division protein FtsB'
3 water water
#
loop_
_entity_poly.entity_id
_entity_poly.type
_entity_poly.pdbx_seq_one_letter_code
_entity_poly.pdbx_strand_id
1 'polypeptide(L)'
;MSKLVLTGERHYTRNDDIRQSILALGEPGTFMTQDVNIIQTQIEQRLPWIKQVSVRKQWPDELKIHLVEYVPIARWNDQH
MVDAEGNTFSVPPERTSKQVLPMLYGPEGSANEVLQGYREMGQMLAKDRFTLKEAAMTARRSWQLTLNNDIKLNLGRGDT
MKRLARFVELYPVLQQQAQTDGKRISYVDLRYDSGAAVGWAPLPPEESTQQQNQAQAEQQGSHHHHHH
;
A
2 'polypeptide(L)'
;MGSSHHHHHHSSGLVPRGSHMGKNGIHDYTRVNDDVAAQQATNAKLKARNDQLFAEIDDLNGGQEALEERARNELSMTRP
GETFYRLVPDASKRAQSAGQNNR
;
B
#
# COMPACT_ATOMS: atom_id res chain seq x y z
N SER A 2 -25.94 9.68 -33.31
CA SER A 2 -24.69 9.54 -32.58
C SER A 2 -24.59 8.18 -31.89
N LYS A 3 -23.53 7.43 -32.23
CA LYS A 3 -23.17 6.21 -31.52
C LYS A 3 -21.91 6.47 -30.69
N LEU A 4 -21.87 5.88 -29.49
CA LEU A 4 -20.76 6.05 -28.56
C LEU A 4 -20.08 4.69 -28.34
N VAL A 5 -18.82 4.60 -28.75
CA VAL A 5 -18.07 3.34 -28.78
C VAL A 5 -16.99 3.39 -27.70
N LEU A 6 -17.06 2.46 -26.75
CA LEU A 6 -16.23 2.44 -25.54
C LEU A 6 -15.28 1.26 -25.59
N THR A 7 -13.99 1.54 -25.48
CA THR A 7 -12.98 0.52 -25.74
C THR A 7 -11.88 0.62 -24.70
N GLY A 8 -11.10 -0.44 -24.58
CA GLY A 8 -10.06 -0.56 -23.59
C GLY A 8 -10.34 -1.69 -22.61
N GLU A 9 -9.30 -2.05 -21.86
CA GLU A 9 -9.45 -3.08 -20.82
C GLU A 9 -10.00 -2.44 -19.55
N ARG A 10 -11.18 -2.88 -19.13
CA ARG A 10 -11.95 -2.25 -18.06
C ARG A 10 -12.11 -3.23 -16.89
N HIS A 11 -11.48 -2.92 -15.76
CA HIS A 11 -11.64 -3.73 -14.55
C HIS A 11 -12.54 -3.09 -13.51
N TYR A 12 -12.48 -1.78 -13.37
CA TYR A 12 -13.34 -1.04 -12.46
C TYR A 12 -14.44 -0.25 -13.14
N THR A 13 -14.18 0.40 -14.27
CA THR A 13 -15.22 1.23 -14.88
C THR A 13 -16.33 0.32 -15.40
N ARG A 14 -17.57 0.74 -15.19
CA ARG A 14 -18.72 0.18 -15.88
C ARG A 14 -19.39 1.29 -16.69
N ASN A 15 -20.22 0.88 -17.66
CA ASN A 15 -20.61 1.79 -18.72
C ASN A 15 -21.38 2.99 -18.21
N ASP A 16 -22.10 2.84 -17.10
CA ASP A 16 -22.86 3.97 -16.58
C ASP A 16 -21.92 5.07 -16.09
N ASP A 17 -20.71 4.73 -15.64
CA ASP A 17 -19.73 5.76 -15.27
C ASP A 17 -19.46 6.73 -16.42
N ILE A 18 -19.43 6.20 -17.64
CA ILE A 18 -19.10 7.07 -18.78
C ILE A 18 -20.32 7.91 -19.17
N ARG A 19 -21.48 7.24 -19.36
CA ARG A 19 -22.69 7.94 -19.78
C ARG A 19 -23.11 9.02 -18.77
N GLN A 20 -22.89 8.77 -17.47
CA GLN A 20 -23.17 9.79 -16.47
C GLN A 20 -22.25 10.99 -16.63
N SER A 21 -20.96 10.76 -16.91
CA SER A 21 -20.04 11.88 -17.12
C SER A 21 -20.51 12.77 -18.25
N ILE A 22 -21.12 12.16 -19.27
CA ILE A 22 -21.55 12.86 -20.47
C ILE A 22 -22.84 13.62 -20.22
N LEU A 23 -23.90 12.91 -19.81
CA LEU A 23 -25.19 13.56 -19.58
C LEU A 23 -25.06 14.70 -18.59
N ALA A 24 -24.23 14.53 -17.55
CA ALA A 24 -24.00 15.55 -16.53
C ALA A 24 -23.26 16.77 -17.05
N LEU A 25 -23.21 16.95 -18.33
CA LEU A 25 -22.52 18.07 -18.95
C LEU A 25 -23.30 18.67 -20.09
N GLY A 26 -23.93 17.83 -20.92
CA GLY A 26 -24.73 18.30 -22.03
C GLY A 26 -26.19 18.45 -21.66
N GLU A 27 -26.96 17.36 -21.74
CA GLU A 27 -28.37 17.29 -21.40
C GLU A 27 -28.84 15.84 -21.51
N PRO A 28 -30.10 15.52 -21.18
CA PRO A 28 -30.64 14.21 -21.57
C PRO A 28 -30.56 13.92 -23.07
N GLY A 29 -30.28 14.92 -23.91
CA GLY A 29 -29.96 14.73 -25.31
C GLY A 29 -28.45 14.69 -25.53
N THR A 30 -28.07 14.44 -26.79
CA THR A 30 -26.75 13.87 -27.08
C THR A 30 -25.72 14.92 -27.49
N PHE A 31 -24.59 14.43 -28.06
CA PHE A 31 -23.26 14.89 -27.66
C PHE A 31 -22.29 15.30 -28.76
N MET A 32 -22.63 15.15 -30.04
CA MET A 32 -21.62 15.09 -31.08
C MET A 32 -20.70 16.32 -31.14
N THR A 33 -21.09 17.41 -31.81
CA THR A 33 -20.14 18.52 -31.91
C THR A 33 -20.06 19.30 -30.59
N GLN A 34 -19.85 18.58 -29.51
CA GLN A 34 -19.23 19.11 -28.30
C GLN A 34 -17.70 19.12 -28.49
N ASP A 35 -17.01 19.76 -27.56
CA ASP A 35 -15.54 19.72 -27.58
C ASP A 35 -15.08 18.38 -27.03
N VAL A 36 -14.24 17.68 -27.80
CA VAL A 36 -13.73 16.40 -27.32
C VAL A 36 -12.83 16.61 -26.11
N ASN A 37 -12.15 17.75 -26.01
CA ASN A 37 -11.25 17.99 -24.89
C ASN A 37 -11.98 18.18 -23.57
N ILE A 38 -13.25 18.60 -23.58
CA ILE A 38 -13.97 18.73 -22.31
C ILE A 38 -14.60 17.41 -21.91
N ILE A 39 -15.06 16.62 -22.89
CA ILE A 39 -15.52 15.25 -22.60
C ILE A 39 -14.37 14.45 -21.99
N GLN A 40 -13.16 14.67 -22.48
CA GLN A 40 -11.99 14.00 -21.91
C GLN A 40 -11.72 14.49 -20.49
N THR A 41 -11.74 15.82 -20.28
CA THR A 41 -11.42 16.35 -18.95
C THR A 41 -12.49 15.95 -17.92
N GLN A 42 -13.76 15.95 -18.32
CA GLN A 42 -14.82 15.58 -17.39
C GLN A 42 -14.66 14.14 -16.93
N ILE A 43 -14.23 13.26 -17.83
CA ILE A 43 -14.08 11.85 -17.49
C ILE A 43 -12.86 11.66 -16.62
N GLU A 44 -11.80 12.43 -16.87
CA GLU A 44 -10.62 12.34 -16.02
C GLU A 44 -10.95 12.74 -14.58
N GLN A 45 -11.91 13.65 -14.40
CA GLN A 45 -12.21 14.19 -13.08
C GLN A 45 -13.28 13.40 -12.33
N ARG A 46 -14.22 12.76 -13.02
CA ARG A 46 -15.22 11.92 -12.38
C ARG A 46 -14.76 10.49 -12.14
N LEU A 47 -13.63 10.07 -12.68
CA LEU A 47 -13.20 8.67 -12.57
C LEU A 47 -11.72 8.70 -12.22
N PRO A 48 -11.38 8.84 -10.94
CA PRO A 48 -9.97 9.02 -10.57
C PRO A 48 -9.10 7.79 -10.76
N TRP A 49 -9.67 6.64 -11.12
CA TRP A 49 -8.87 5.46 -11.40
C TRP A 49 -8.46 5.33 -12.86
N ILE A 50 -8.91 6.25 -13.72
CA ILE A 50 -8.57 6.23 -15.13
C ILE A 50 -7.24 6.96 -15.31
N LYS A 51 -6.22 6.24 -15.80
CA LYS A 51 -4.91 6.84 -16.02
C LYS A 51 -4.83 7.56 -17.36
N GLN A 52 -5.56 7.07 -18.37
CA GLN A 52 -5.59 7.74 -19.66
C GLN A 52 -6.90 7.46 -20.37
N VAL A 53 -7.45 8.50 -20.96
CA VAL A 53 -8.67 8.39 -21.74
C VAL A 53 -8.48 9.25 -22.98
N SER A 54 -8.83 8.69 -24.14
CA SER A 54 -8.84 9.43 -25.39
C SER A 54 -10.24 9.47 -25.96
N VAL A 55 -10.65 10.65 -26.43
CA VAL A 55 -11.98 10.91 -26.99
C VAL A 55 -11.80 11.40 -28.42
N ARG A 56 -12.43 10.72 -29.38
CA ARG A 56 -12.17 11.01 -30.80
C ARG A 56 -13.44 10.82 -31.64
N LYS A 57 -13.78 11.85 -32.42
CA LYS A 57 -14.88 11.79 -33.38
C LYS A 57 -14.46 11.02 -34.63
N GLN A 58 -15.18 9.95 -34.94
CA GLN A 58 -15.02 9.20 -36.18
C GLN A 58 -16.29 9.35 -36.99
N TRP A 59 -16.23 9.98 -38.14
CA TRP A 59 -17.49 9.93 -38.88
C TRP A 59 -17.61 8.55 -39.54
N PRO A 60 -18.83 8.07 -39.86
CA PRO A 60 -20.14 8.71 -40.07
C PRO A 60 -20.62 9.54 -38.89
N ASP A 61 -21.06 8.84 -37.84
CA ASP A 61 -21.50 9.52 -36.62
C ASP A 61 -21.15 8.63 -35.44
N GLU A 62 -19.99 8.91 -34.84
CA GLU A 62 -19.40 8.06 -33.81
C GLU A 62 -18.46 8.89 -32.94
N LEU A 63 -18.56 8.70 -31.63
CA LEU A 63 -17.57 9.21 -30.68
C LEU A 63 -16.95 8.01 -30.00
N LYS A 64 -15.63 7.86 -30.14
CA LYS A 64 -14.93 6.67 -29.68
C LYS A 64 -14.08 7.05 -28.48
N ILE A 65 -14.27 6.32 -27.37
CA ILE A 65 -13.54 6.56 -26.13
C ILE A 65 -12.75 5.31 -25.77
N HIS A 66 -11.44 5.48 -25.59
CA HIS A 66 -10.53 4.39 -25.23
C HIS A 66 -9.94 4.64 -23.85
N LEU A 67 -10.00 3.64 -22.98
CA LEU A 67 -9.66 3.82 -21.58
C LEU A 67 -8.42 3.00 -21.21
N VAL A 68 -7.54 3.61 -20.42
CA VAL A 68 -6.51 2.86 -19.70
C VAL A 68 -6.68 3.15 -18.21
N GLU A 69 -6.88 2.10 -17.42
CA GLU A 69 -7.05 2.21 -15.99
C GLU A 69 -5.71 2.06 -15.29
N TYR A 70 -5.56 2.73 -14.15
CA TYR A 70 -4.47 2.41 -13.23
C TYR A 70 -4.66 0.99 -12.70
N VAL A 71 -3.55 0.33 -12.42
CA VAL A 71 -3.58 -1.03 -11.88
C VAL A 71 -2.92 -1.01 -10.50
N PRO A 72 -3.63 -1.36 -9.42
CA PRO A 72 -3.04 -1.22 -8.09
C PRO A 72 -2.06 -2.34 -7.82
N ILE A 73 -0.94 -1.99 -7.18
CA ILE A 73 -0.13 -3.01 -6.53
C ILE A 73 -0.22 -2.96 -5.02
N ALA A 74 -0.97 -2.01 -4.45
CA ALA A 74 -1.14 -1.95 -3.00
C ALA A 74 -2.20 -0.93 -2.64
N ARG A 75 -2.90 -1.16 -1.54
CA ARG A 75 -3.70 -0.10 -0.97
C ARG A 75 -2.78 0.96 -0.37
N TRP A 76 -3.18 2.22 -0.50
CA TRP A 76 -2.38 3.35 -0.05
C TRP A 76 -3.08 4.08 1.10
N ASN A 77 -2.33 4.29 2.18
CA ASN A 77 -2.92 4.44 3.49
C ASN A 77 -3.98 3.35 3.53
N ASP A 78 -5.24 3.67 3.74
CA ASP A 78 -6.11 2.51 3.61
C ASP A 78 -7.13 2.63 2.49
N GLN A 79 -7.71 3.80 2.30
CA GLN A 79 -8.84 3.97 1.41
C GLN A 79 -8.43 4.24 -0.04
N HIS A 80 -7.13 4.41 -0.31
CA HIS A 80 -6.61 4.75 -1.63
C HIS A 80 -5.79 3.58 -2.18
N MET A 81 -5.07 3.84 -3.28
CA MET A 81 -4.29 2.80 -3.94
C MET A 81 -3.14 3.41 -4.72
N VAL A 82 -2.07 2.64 -4.85
CA VAL A 82 -0.88 3.06 -5.59
C VAL A 82 -0.50 1.99 -6.61
N ASP A 83 0.02 2.40 -7.77
CA ASP A 83 0.44 1.45 -8.80
C ASP A 83 1.96 1.27 -8.77
N ALA A 84 2.48 0.49 -9.72
CA ALA A 84 3.89 0.09 -9.63
C ALA A 84 4.84 1.22 -9.95
N GLU A 85 4.35 2.34 -10.47
CA GLU A 85 5.17 3.51 -10.73
C GLU A 85 5.05 4.59 -9.66
N GLY A 86 4.29 4.33 -8.59
CA GLY A 86 4.13 5.32 -7.54
C GLY A 86 3.00 6.30 -7.71
N ASN A 87 2.06 6.02 -8.62
CA ASN A 87 0.91 6.89 -8.82
C ASN A 87 -0.20 6.57 -7.83
N THR A 88 -0.88 7.62 -7.39
CA THR A 88 -1.93 7.54 -6.37
C THR A 88 -3.29 7.74 -7.01
N PHE A 89 -4.25 6.89 -6.63
CA PHE A 89 -5.61 6.95 -7.18
C PHE A 89 -6.55 6.31 -6.17
N SER A 90 -7.84 6.26 -6.50
CA SER A 90 -8.80 5.62 -5.61
C SER A 90 -9.97 5.08 -6.41
N VAL A 91 -10.62 4.06 -5.86
CA VAL A 91 -11.68 3.30 -6.50
C VAL A 91 -12.81 3.15 -5.49
N PRO A 92 -14.07 3.38 -5.87
CA PRO A 92 -15.18 3.17 -4.90
C PRO A 92 -15.08 1.81 -4.23
N PRO A 93 -15.11 1.75 -2.88
CA PRO A 93 -14.76 0.49 -2.18
C PRO A 93 -15.78 -0.63 -2.31
N GLU A 94 -17.00 -0.32 -2.76
CA GLU A 94 -17.96 -1.36 -3.14
C GLU A 94 -17.39 -2.26 -4.22
N ARG A 95 -16.45 -1.75 -5.02
CA ARG A 95 -15.87 -2.44 -6.16
C ARG A 95 -14.52 -3.08 -5.85
N THR A 96 -13.99 -2.90 -4.63
CA THR A 96 -12.69 -3.47 -4.25
C THR A 96 -12.71 -4.23 -2.92
N SER A 97 -13.88 -4.48 -2.33
CA SER A 97 -13.99 -4.89 -0.94
C SER A 97 -13.60 -6.35 -0.69
N LYS A 98 -13.43 -7.15 -1.75
CA LYS A 98 -12.95 -8.52 -1.64
C LYS A 98 -11.58 -8.73 -2.28
N GLN A 99 -10.89 -7.67 -2.71
CA GLN A 99 -9.50 -7.81 -3.12
C GLN A 99 -8.60 -7.93 -1.90
N VAL A 100 -7.45 -8.58 -2.10
CA VAL A 100 -6.46 -8.77 -1.04
C VAL A 100 -5.10 -8.31 -1.57
N LEU A 101 -4.69 -7.11 -1.19
CA LEU A 101 -3.49 -6.45 -1.64
C LEU A 101 -2.58 -6.15 -0.46
N PRO A 102 -1.29 -6.00 -0.68
CA PRO A 102 -0.41 -5.47 0.37
C PRO A 102 -0.83 -4.06 0.74
N MET A 103 -0.38 -3.62 1.93
CA MET A 103 -0.87 -2.40 2.56
C MET A 103 0.29 -1.45 2.86
N LEU A 104 0.30 -0.29 2.22
CA LEU A 104 1.30 0.72 2.50
C LEU A 104 0.71 1.91 3.22
N TYR A 105 1.54 2.55 4.05
CA TYR A 105 1.17 3.78 4.75
C TYR A 105 2.34 4.75 4.78
N GLY A 106 2.01 6.03 4.67
CA GLY A 106 2.97 7.11 4.74
C GLY A 106 2.27 8.46 4.71
N PRO A 107 3.04 9.53 4.92
CA PRO A 107 2.49 10.90 4.80
C PRO A 107 2.14 11.23 3.35
N GLU A 108 1.40 12.34 3.17
CA GLU A 108 0.50 12.48 2.02
C GLU A 108 1.20 12.45 0.66
N GLY A 109 2.48 12.79 0.56
CA GLY A 109 3.10 12.69 -0.75
C GLY A 109 4.26 11.71 -0.85
N SER A 110 4.25 10.65 -0.04
CA SER A 110 5.44 9.82 0.12
C SER A 110 5.33 8.47 -0.55
N ALA A 111 4.25 8.21 -1.29
CA ALA A 111 3.99 6.90 -1.86
C ALA A 111 5.24 6.31 -2.51
N ASN A 112 5.93 7.09 -3.34
CA ASN A 112 7.08 6.54 -4.04
C ASN A 112 8.16 6.11 -3.06
N GLU A 113 8.48 6.98 -2.11
CA GLU A 113 9.45 6.65 -1.07
C GLU A 113 9.06 5.37 -0.34
N VAL A 114 7.80 5.28 0.09
CA VAL A 114 7.35 4.08 0.82
C VAL A 114 7.47 2.86 -0.07
N LEU A 115 6.96 2.97 -1.30
CA LEU A 115 7.00 1.85 -2.24
C LEU A 115 8.43 1.42 -2.51
N GLN A 116 9.36 2.38 -2.60
CA GLN A 116 10.77 2.01 -2.76
C GLN A 116 11.26 1.22 -1.56
N GLY A 117 10.99 1.70 -0.33
CA GLY A 117 11.44 0.98 0.85
C GLY A 117 10.78 -0.38 0.96
N TYR A 118 9.48 -0.45 0.67
CA TYR A 118 8.79 -1.73 0.60
C TYR A 118 9.46 -2.69 -0.40
N ARG A 119 9.85 -2.18 -1.57
CA ARG A 119 10.53 -3.04 -2.54
C ARG A 119 11.89 -3.53 -2.01
N GLU A 120 12.72 -2.61 -1.53
CA GLU A 120 14.06 -3.01 -1.09
C GLU A 120 13.99 -4.00 0.07
N MET A 121 13.13 -3.74 1.06
CA MET A 121 13.07 -4.59 2.24
C MET A 121 12.42 -5.93 1.93
N GLY A 122 11.36 -5.91 1.13
CA GLY A 122 10.80 -7.17 0.64
C GLY A 122 11.82 -8.03 -0.05
N GLN A 123 12.73 -7.41 -0.84
CA GLN A 123 13.79 -8.18 -1.50
C GLN A 123 14.61 -8.95 -0.48
N MET A 124 15.02 -8.26 0.58
CA MET A 124 15.88 -8.93 1.55
C MET A 124 15.12 -10.01 2.29
N LEU A 125 13.92 -9.73 2.79
CA LEU A 125 13.17 -10.77 3.47
C LEU A 125 12.89 -11.96 2.55
N ALA A 126 12.76 -11.69 1.23
CA ALA A 126 12.49 -12.77 0.28
C ALA A 126 13.63 -13.78 0.21
N LYS A 127 14.89 -13.31 0.32
CA LYS A 127 16.03 -14.22 0.34
C LYS A 127 15.96 -15.25 1.48
N ASP A 128 15.10 -15.04 2.48
CA ASP A 128 14.91 -16.05 3.53
C ASP A 128 13.50 -16.58 3.59
N ARG A 129 12.69 -16.34 2.54
CA ARG A 129 11.33 -16.87 2.42
C ARG A 129 10.37 -16.25 3.43
N PHE A 130 10.62 -15.00 3.83
CA PHE A 130 9.63 -14.20 4.54
C PHE A 130 8.98 -13.26 3.54
N THR A 131 7.68 -13.04 3.69
CA THR A 131 6.98 -12.20 2.74
C THR A 131 6.24 -11.07 3.47
N LEU A 132 6.31 -9.87 2.89
CA LEU A 132 5.91 -8.60 3.49
C LEU A 132 4.47 -8.27 3.13
N LYS A 133 3.61 -8.16 4.13
CA LYS A 133 2.21 -7.87 3.94
C LYS A 133 1.86 -6.41 4.16
N GLU A 134 2.67 -5.69 4.94
CA GLU A 134 2.36 -4.31 5.29
C GLU A 134 3.65 -3.55 5.54
N ALA A 135 3.58 -2.25 5.32
CA ALA A 135 4.76 -1.41 5.49
C ALA A 135 4.26 0.01 5.76
N ALA A 136 4.61 0.56 6.92
CA ALA A 136 4.19 1.91 7.28
C ALA A 136 5.40 2.77 7.62
N MET A 137 5.40 4.01 7.13
CA MET A 137 6.49 4.96 7.33
C MET A 137 5.94 6.23 7.99
N THR A 138 6.64 6.71 9.01
CA THR A 138 6.19 7.90 9.73
C THR A 138 6.69 9.18 9.07
N ALA A 139 6.09 10.30 9.48
CA ALA A 139 6.59 11.59 9.04
C ALA A 139 8.08 11.73 9.34
N ARG A 140 8.53 11.17 10.46
CA ARG A 140 9.95 11.15 10.81
C ARG A 140 10.74 10.10 10.05
N ARG A 141 10.08 9.25 9.26
CA ARG A 141 10.75 8.20 8.48
C ARG A 141 11.27 7.07 9.37
N SER A 142 10.47 6.67 10.36
CA SER A 142 10.66 5.39 11.03
C SER A 142 9.72 4.37 10.39
N TRP A 143 10.10 3.10 10.48
CA TRP A 143 9.45 2.02 9.72
C TRP A 143 8.90 0.95 10.64
N GLN A 144 7.70 0.47 10.34
CA GLN A 144 7.16 -0.76 10.93
C GLN A 144 6.67 -1.68 9.81
N LEU A 145 7.03 -2.96 9.88
CA LEU A 145 6.65 -3.95 8.88
C LEU A 145 5.71 -5.01 9.46
N THR A 146 4.88 -5.61 8.60
CA THR A 146 4.00 -6.71 8.99
C THR A 146 4.21 -7.88 8.03
N LEU A 147 4.71 -8.98 8.57
CA LEU A 147 4.94 -10.16 7.76
C LEU A 147 3.60 -10.83 7.42
N ASN A 148 3.65 -11.78 6.49
CA ASN A 148 2.43 -12.52 6.17
C ASN A 148 2.00 -13.42 7.32
N ASN A 149 2.93 -13.82 8.17
CA ASN A 149 2.61 -14.61 9.34
C ASN A 149 2.16 -13.74 10.51
N ASP A 150 1.95 -12.44 10.28
CA ASP A 150 1.37 -11.42 11.16
C ASP A 150 2.29 -10.93 12.28
N ILE A 151 3.52 -11.44 12.39
CA ILE A 151 4.52 -10.79 13.23
C ILE A 151 4.75 -9.37 12.75
N LYS A 152 4.68 -8.40 13.67
CA LYS A 152 5.11 -7.04 13.36
C LYS A 152 6.58 -6.85 13.75
N LEU A 153 7.28 -6.00 13.00
CA LEU A 153 8.69 -5.68 13.24
C LEU A 153 8.83 -4.18 13.35
N ASN A 154 9.50 -3.71 14.41
CA ASN A 154 9.69 -2.29 14.69
C ASN A 154 11.13 -1.97 14.38
N LEU A 155 11.35 -1.26 13.29
CA LEU A 155 12.70 -0.97 12.82
C LEU A 155 13.17 0.42 13.19
N GLY A 156 12.28 1.25 13.73
CA GLY A 156 12.61 2.63 13.98
C GLY A 156 13.20 3.30 12.75
N ARG A 157 14.27 4.04 12.97
CA ARG A 157 14.84 4.87 11.94
C ARG A 157 16.24 4.46 11.51
N GLY A 158 16.90 3.59 12.27
CA GLY A 158 18.31 3.34 12.08
C GLY A 158 18.62 2.53 10.84
N ASP A 159 19.78 1.89 10.79
CA ASP A 159 20.10 1.04 9.64
C ASP A 159 19.06 -0.07 9.60
N THR A 160 18.00 0.19 8.83
CA THR A 160 16.89 -0.76 8.80
C THR A 160 17.33 -2.12 8.26
N MET A 161 18.38 -2.15 7.44
CA MET A 161 18.76 -3.44 6.89
C MET A 161 19.58 -4.27 7.86
N LYS A 162 20.32 -3.64 8.77
CA LYS A 162 20.99 -4.47 9.76
C LYS A 162 19.99 -5.03 10.77
N ARG A 163 19.01 -4.23 11.17
CA ARG A 163 18.01 -4.72 12.10
C ARG A 163 17.17 -5.82 11.45
N LEU A 164 16.88 -5.68 10.16
CA LEU A 164 16.18 -6.73 9.43
C LEU A 164 16.95 -8.03 9.44
N ALA A 165 18.29 -7.95 9.27
CA ALA A 165 19.09 -9.15 9.29
C ALA A 165 19.14 -9.77 10.66
N ARG A 166 19.08 -8.95 11.72
CA ARG A 166 19.10 -9.52 13.06
C ARG A 166 17.84 -10.33 13.35
N PHE A 167 16.68 -9.83 12.94
CA PHE A 167 15.45 -10.59 13.09
C PHE A 167 15.62 -11.98 12.49
N VAL A 168 16.08 -12.04 11.24
CA VAL A 168 16.24 -13.32 10.54
C VAL A 168 17.24 -14.21 11.27
N GLU A 169 18.34 -13.64 11.79
CA GLU A 169 19.26 -14.50 12.54
C GLU A 169 18.61 -15.04 13.80
N LEU A 170 17.91 -14.18 14.55
CA LEU A 170 17.37 -14.59 15.84
C LEU A 170 16.11 -15.43 15.70
N TYR A 171 15.41 -15.32 14.59
CA TYR A 171 14.08 -15.94 14.45
C TYR A 171 14.00 -17.40 14.90
N PRO A 172 14.95 -18.29 14.60
CA PRO A 172 14.76 -19.69 15.01
C PRO A 172 14.66 -19.91 16.51
N VAL A 173 15.29 -19.06 17.35
CA VAL A 173 15.13 -19.26 18.80
C VAL A 173 13.82 -18.66 19.30
N LEU A 174 13.43 -17.50 18.76
CA LEU A 174 12.12 -16.94 19.09
C LEU A 174 10.99 -17.91 18.77
N GLN A 175 11.19 -18.74 17.74
CA GLN A 175 10.16 -19.68 17.32
C GLN A 175 10.20 -20.95 18.17
N GLN A 176 11.40 -21.39 18.54
CA GLN A 176 11.53 -22.45 19.53
C GLN A 176 10.96 -22.04 20.87
N GLN A 177 11.20 -20.78 21.27
CA GLN A 177 10.72 -20.30 22.56
C GLN A 177 9.20 -20.20 22.58
N ALA A 178 8.60 -19.60 21.54
CA ALA A 178 7.15 -19.54 21.45
C ALA A 178 6.55 -20.93 21.30
N GLN A 179 7.28 -21.83 20.64
CA GLN A 179 6.89 -23.23 20.55
C GLN A 179 6.77 -23.85 21.94
N THR A 180 7.71 -23.52 22.84
CA THR A 180 7.84 -24.19 24.12
C THR A 180 6.78 -23.75 25.11
N ASP A 181 6.42 -22.46 25.11
CA ASP A 181 5.48 -21.91 26.08
C ASP A 181 4.06 -21.82 25.52
N GLY A 182 3.80 -22.41 24.35
CA GLY A 182 2.45 -22.40 23.81
C GLY A 182 1.96 -21.05 23.36
N LYS A 183 2.86 -20.11 23.11
CA LYS A 183 2.50 -18.77 22.66
C LYS A 183 2.83 -18.60 21.18
N ARG A 184 2.56 -17.39 20.70
CA ARG A 184 2.91 -16.97 19.35
C ARG A 184 3.69 -15.67 19.45
N ILE A 185 4.63 -15.47 18.53
CA ILE A 185 5.32 -14.19 18.48
C ILE A 185 4.37 -13.13 17.96
N SER A 186 4.25 -12.03 18.70
CA SER A 186 3.41 -10.91 18.28
C SER A 186 4.19 -9.76 17.65
N TYR A 187 5.38 -9.46 18.16
CA TYR A 187 6.20 -8.43 17.54
C TYR A 187 7.63 -8.56 18.00
N VAL A 188 8.53 -7.92 17.26
CA VAL A 188 9.96 -7.91 17.58
C VAL A 188 10.48 -6.50 17.40
N ASP A 189 10.80 -5.83 18.50
CA ASP A 189 11.33 -4.48 18.46
C ASP A 189 12.82 -4.54 18.28
N LEU A 190 13.32 -3.94 17.20
CA LEU A 190 14.74 -3.98 16.89
C LEU A 190 15.47 -2.69 17.24
N ARG A 191 14.80 -1.68 17.79
CA ARG A 191 15.45 -0.38 17.98
C ARG A 191 16.46 -0.38 19.15
N TYR A 192 17.51 -1.20 19.02
CA TYR A 192 18.59 -1.24 19.99
C TYR A 192 19.91 -1.30 19.25
N ASP A 193 21.01 -1.26 20.00
CA ASP A 193 22.32 -1.31 19.37
C ASP A 193 22.58 -2.66 18.72
N SER A 194 22.28 -3.73 19.45
CA SER A 194 22.47 -5.08 18.94
C SER A 194 21.60 -6.07 19.71
N GLY A 195 20.34 -5.69 19.95
CA GLY A 195 19.39 -6.62 20.53
C GLY A 195 17.95 -6.49 20.04
N ALA A 196 17.04 -7.23 20.67
CA ALA A 196 15.65 -7.27 20.22
C ALA A 196 14.76 -7.57 21.41
N ALA A 197 13.66 -6.82 21.53
CA ALA A 197 12.66 -7.06 22.56
C ALA A 197 11.46 -7.72 21.88
N VAL A 198 10.95 -8.79 22.47
CA VAL A 198 9.90 -9.59 21.85
C VAL A 198 8.66 -9.55 22.72
N GLY A 199 7.52 -9.22 22.10
CA GLY A 199 6.23 -9.30 22.76
C GLY A 199 5.48 -10.54 22.28
N TRP A 200 4.90 -11.27 23.24
CA TRP A 200 4.24 -12.52 22.91
C TRP A 200 2.73 -12.32 22.91
N ALA A 201 2.01 -13.39 22.58
CA ALA A 201 0.56 -13.40 22.56
C ALA A 201 0.11 -14.85 22.62
N PRO A 202 -1.01 -15.14 23.28
CA PRO A 202 -1.49 -16.53 23.35
C PRO A 202 -1.94 -17.03 21.98
N LEU A 203 -1.94 -18.38 21.83
CA LEU A 203 -2.11 -19.00 20.51
C LEU A 203 -3.58 -19.04 20.09
N PRO A 204 -3.93 -18.55 18.89
CA PRO A 204 -5.31 -18.39 18.43
C PRO A 204 -6.10 -19.71 18.38
N GLN B 64 7.29 11.94 21.46
CA GLN B 64 6.13 11.07 21.31
C GLN B 64 6.67 9.63 21.19
N GLU B 65 6.89 9.12 19.98
CA GLU B 65 7.58 7.85 19.82
C GLU B 65 9.07 8.04 19.61
N ALA B 66 9.50 9.28 19.34
CA ALA B 66 10.90 9.61 19.40
C ALA B 66 11.46 9.30 20.79
N LEU B 67 10.71 9.65 21.84
CA LEU B 67 11.17 9.40 23.20
C LEU B 67 11.39 7.92 23.44
N GLU B 68 10.42 7.09 23.04
CA GLU B 68 10.58 5.65 23.23
C GLU B 68 11.73 5.07 22.40
N GLU B 69 12.09 5.71 21.29
CA GLU B 69 13.22 5.20 20.52
C GLU B 69 14.54 5.42 21.27
N ARG B 70 14.74 6.63 21.80
CA ARG B 70 15.94 6.87 22.61
C ARG B 70 15.90 6.04 23.88
N ALA B 71 14.77 6.06 24.58
CA ALA B 71 14.63 5.22 25.75
C ALA B 71 15.03 3.80 25.45
N ARG B 72 14.72 3.34 24.25
CA ARG B 72 14.97 1.98 23.83
C ARG B 72 16.39 1.80 23.34
N ASN B 73 16.87 2.75 22.54
CA ASN B 73 18.15 2.59 21.89
C ASN B 73 19.32 3.09 22.74
N GLU B 74 19.14 4.21 23.45
CA GLU B 74 20.23 4.86 24.18
C GLU B 74 20.51 4.17 25.52
N LEU B 75 19.45 3.94 26.30
CA LEU B 75 19.42 3.03 27.42
C LEU B 75 18.68 1.77 26.97
N SER B 76 19.11 0.62 27.43
CA SER B 76 18.59 -0.61 26.84
C SER B 76 17.26 -0.99 27.45
N MET B 77 16.31 -0.07 27.40
CA MET B 77 15.08 -0.22 28.17
C MET B 77 14.01 -0.93 27.36
N THR B 78 13.13 -1.63 28.07
CA THR B 78 12.05 -2.38 27.45
C THR B 78 10.68 -1.96 28.01
N ARG B 79 9.73 -2.88 27.96
CA ARG B 79 8.39 -2.70 28.48
C ARG B 79 7.97 -3.98 29.17
N PRO B 80 7.30 -3.87 30.31
CA PRO B 80 6.93 -5.07 31.07
C PRO B 80 6.28 -6.09 30.14
N GLY B 81 6.64 -7.36 30.31
CA GLY B 81 6.11 -8.43 29.51
C GLY B 81 7.00 -8.85 28.36
N GLU B 82 7.82 -7.95 27.83
CA GLU B 82 8.68 -8.27 26.70
C GLU B 82 9.90 -9.07 27.15
N THR B 83 10.32 -10.01 26.32
CA THR B 83 11.60 -10.69 26.48
C THR B 83 12.66 -9.95 25.70
N PHE B 84 13.85 -9.84 26.26
CA PHE B 84 14.97 -9.14 25.63
C PHE B 84 16.03 -10.16 25.25
N TYR B 85 16.67 -9.94 24.09
CA TYR B 85 17.77 -10.77 23.61
C TYR B 85 18.91 -9.87 23.18
N ARG B 86 20.13 -10.24 23.58
CA ARG B 86 21.30 -9.41 23.34
C ARG B 86 22.35 -10.24 22.62
N LEU B 87 22.87 -9.71 21.52
CA LEU B 87 23.72 -10.50 20.65
C LEU B 87 25.12 -9.93 20.49
#